data_8P42
#
_entry.id   8P42
#
_cell.length_a   87.744
_cell.length_b   87.744
_cell.length_c   57.505
_cell.angle_alpha   90.00
_cell.angle_beta   90.00
_cell.angle_gamma   90.00
#
_symmetry.space_group_name_H-M   'P 41'
#
loop_
_entity.id
_entity.type
_entity.pdbx_description
1 polymer 'Macrophage infectivity potentiator'
2 non-polymer (2~{S})-1-[(4-fluorophenyl)methylsulfonyl]-~{N}-[(2~{S})-3-(4-fluorophenyl)-1-oxidanylidene-1-(pyridin-3-ylmethylamino)propan-2-yl]piperidine-2-carboxamide
3 non-polymer DI(HYDROXYETHYL)ETHER
4 water water
#
_entity_poly.entity_id   1
_entity_poly.type   'polypeptide(L)'
_entity_poly.pdbx_seq_one_letter_code
;DAASHEERMNNYRKRVGRLFMEQKAAQPDAVKLPSGLVFQRIARGSGKRAPAIDDKCEVHYTGRLRDGTVFDSSRERGKP
TTFRPNEVIKGWTEALQLMREGDRWRLFIPYDLAYGVTGGGGMIPPYSPLEFDVELISIKDGGKGRTAEEVDEILRKAEE
D
;
_entity_poly.pdbx_strand_id   A,D
#
# COMPACT_ATOMS: atom_id res chain seq x y z
N HIS A 5 -5.25 40.41 6.97
CA HIS A 5 -5.56 39.34 7.95
C HIS A 5 -5.72 38.00 7.23
N GLU A 6 -4.98 36.99 7.70
CA GLU A 6 -5.05 35.62 7.12
C GLU A 6 -6.20 34.89 7.79
N GLU A 7 -6.54 35.30 9.01
CA GLU A 7 -7.61 34.62 9.78
C GLU A 7 -8.97 34.91 9.14
N ARG A 8 -9.15 36.11 8.60
CA ARG A 8 -10.41 36.41 7.90
C ARG A 8 -10.41 35.67 6.56
N MET A 9 -9.26 35.61 5.91
CA MET A 9 -9.12 34.90 4.62
C MET A 9 -9.34 33.40 4.85
N ASN A 10 -8.94 32.89 6.01
CA ASN A 10 -9.01 31.44 6.28
C ASN A 10 -10.46 31.07 6.56
N ASN A 11 -11.20 31.94 7.23
CA ASN A 11 -12.63 31.70 7.53
C ASN A 11 -13.39 31.64 6.21
N TYR A 12 -13.02 32.51 5.27
CA TYR A 12 -13.64 32.53 3.93
C TYR A 12 -13.18 31.30 3.17
N ARG A 13 -11.87 31.08 3.18
CA ARG A 13 -11.37 29.89 2.48
C ARG A 13 -12.03 28.61 2.98
N LYS A 14 -12.37 28.56 4.28
CA LYS A 14 -12.97 27.36 4.82
C LYS A 14 -14.42 27.17 4.35
N ARG A 15 -15.17 28.26 4.20
CA ARG A 15 -16.57 28.15 3.82
C ARG A 15 -16.70 27.83 2.33
N VAL A 16 -16.06 28.61 1.46
CA VAL A 16 -16.21 28.39 0.03
C VAL A 16 -15.58 27.06 -0.39
N GLY A 17 -14.49 26.65 0.28
CA GLY A 17 -13.90 25.36 -0.03
C GLY A 17 -14.81 24.20 0.32
N ARG A 18 -15.55 24.32 1.42
CA ARG A 18 -16.56 23.32 1.75
C ARG A 18 -17.65 23.29 0.69
N LEU A 19 -18.09 24.46 0.23
CA LEU A 19 -19.11 24.52 -0.82
C LEU A 19 -18.61 23.88 -2.10
N PHE A 20 -17.35 24.11 -2.45
CA PHE A 20 -16.78 23.50 -3.65
C PHE A 20 -16.84 21.99 -3.57
N MET A 21 -16.38 21.42 -2.46
CA MET A 21 -16.42 19.96 -2.30
C MET A 21 -17.84 19.44 -2.24
N GLU A 22 -18.79 20.24 -1.74
CA GLU A 22 -20.18 19.80 -1.73
C GLU A 22 -20.77 19.79 -3.14
N GLN A 23 -20.32 20.71 -4.01
CA GLN A 23 -20.84 20.77 -5.36
C GLN A 23 -20.44 19.54 -6.17
N LYS A 24 -19.15 19.21 -6.15
CA LYS A 24 -18.68 18.09 -6.98
C LYS A 24 -19.21 16.75 -6.48
N ALA A 25 -19.40 16.61 -5.16
CA ALA A 25 -19.98 15.39 -4.63
C ALA A 25 -21.43 15.20 -5.09
N ALA A 26 -22.09 16.27 -5.53
CA ALA A 26 -23.44 16.18 -6.07
C ALA A 26 -23.47 15.94 -7.57
N GLN A 27 -22.32 16.03 -8.24
CA GLN A 27 -22.27 15.78 -9.67
C GLN A 27 -22.67 14.33 -9.96
N PRO A 28 -23.15 14.04 -11.19
CA PRO A 28 -23.90 12.77 -11.37
C PRO A 28 -23.05 11.52 -11.19
N ASP A 29 -21.91 11.42 -11.86
CA ASP A 29 -21.09 10.22 -11.83
C ASP A 29 -20.01 10.27 -10.75
N ALA A 30 -20.09 11.22 -9.83
CA ALA A 30 -19.05 11.40 -8.82
C ALA A 30 -19.15 10.34 -7.72
N VAL A 31 -17.99 9.83 -7.30
CA VAL A 31 -17.89 8.83 -6.24
C VAL A 31 -17.26 9.50 -5.02
N LYS A 32 -17.83 9.25 -3.85
CA LYS A 32 -17.36 9.81 -2.59
C LYS A 32 -16.88 8.69 -1.69
N LEU A 33 -15.59 8.69 -1.36
CA LEU A 33 -14.99 7.70 -0.50
C LEU A 33 -15.05 8.14 0.96
N PRO A 34 -15.00 7.21 1.91
CA PRO A 34 -15.10 7.59 3.33
C PRO A 34 -14.09 8.63 3.77
N SER A 35 -12.93 8.71 3.12
CA SER A 35 -11.93 9.71 3.50
C SER A 35 -12.34 11.12 3.09
N GLY A 36 -13.24 11.25 2.13
CA GLY A 36 -13.62 12.54 1.59
C GLY A 36 -13.18 12.79 0.17
N LEU A 37 -12.28 11.95 -0.35
CA LEU A 37 -11.82 12.10 -1.73
C LEU A 37 -12.96 11.80 -2.69
N VAL A 38 -13.23 12.74 -3.60
CA VAL A 38 -14.28 12.61 -4.60
C VAL A 38 -13.62 12.60 -5.98
N PHE A 39 -14.08 11.69 -6.84
CA PHE A 39 -13.50 11.59 -8.17
C PHE A 39 -14.57 11.26 -9.20
N GLN A 40 -14.21 11.48 -10.46
CA GLN A 40 -15.06 11.17 -11.61
C GLN A 40 -14.23 10.37 -12.60
N ARG A 41 -14.78 9.26 -13.08
CA ARG A 41 -14.06 8.42 -14.03
C ARG A 41 -14.23 8.99 -15.43
N ILE A 42 -13.11 9.35 -16.05
CA ILE A 42 -13.12 9.90 -17.41
C ILE A 42 -12.87 8.80 -18.44
N ALA A 43 -11.82 8.01 -18.25
CA ALA A 43 -11.47 6.94 -19.16
C ALA A 43 -11.16 5.68 -18.36
N ARG A 44 -11.55 4.53 -18.91
CA ARG A 44 -11.33 3.24 -18.27
C ARG A 44 -10.16 2.54 -18.95
N GLY A 45 -9.13 2.20 -18.17
CA GLY A 45 -7.95 1.57 -18.72
C GLY A 45 -8.03 0.06 -18.75
N SER A 46 -7.05 -0.55 -19.41
CA SER A 46 -6.99 -1.99 -19.60
C SER A 46 -6.07 -2.67 -18.60
N GLY A 47 -5.51 -1.93 -17.63
CA GLY A 47 -4.61 -2.53 -16.68
C GLY A 47 -5.33 -3.46 -15.71
N LYS A 48 -4.58 -4.41 -15.18
CA LYS A 48 -5.12 -5.41 -14.26
C LYS A 48 -4.76 -5.16 -12.81
N ARG A 49 -3.57 -4.62 -12.53
CA ARG A 49 -3.15 -4.33 -11.17
C ARG A 49 -3.06 -2.83 -10.95
N ALA A 50 -3.33 -2.41 -9.73
CA ALA A 50 -3.07 -1.06 -9.27
C ALA A 50 -1.69 -0.99 -8.63
N PRO A 51 -1.07 0.19 -8.57
CA PRO A 51 0.25 0.29 -7.98
C PRO A 51 0.22 0.12 -6.46
N ALA A 52 1.26 -0.50 -5.94
CA ALA A 52 1.45 -0.59 -4.50
C ALA A 52 1.93 0.74 -3.95
N ILE A 53 2.05 0.81 -2.61
CA ILE A 53 2.40 2.07 -1.94
C ILE A 53 3.76 2.59 -2.42
N ASP A 54 4.64 1.70 -2.87
CA ASP A 54 5.99 2.08 -3.25
C ASP A 54 6.31 1.85 -4.72
N ASP A 55 5.30 1.59 -5.55
CA ASP A 55 5.52 1.44 -6.97
C ASP A 55 5.71 2.80 -7.63
N LYS A 56 6.52 2.83 -8.69
CA LYS A 56 6.72 4.04 -9.46
C LYS A 56 5.69 4.13 -10.58
N CYS A 57 5.06 5.30 -10.72
CA CYS A 57 3.97 5.49 -11.68
C CYS A 57 4.31 6.58 -12.67
N GLU A 58 4.00 6.34 -13.94
CA GLU A 58 4.15 7.33 -15.00
C GLU A 58 2.80 8.04 -15.17
N VAL A 59 2.79 9.36 -14.98
CA VAL A 59 1.55 10.11 -14.80
C VAL A 59 1.59 11.38 -15.65
N HIS A 60 0.49 11.64 -16.35
CA HIS A 60 0.18 12.95 -16.91
C HIS A 60 -0.95 13.57 -16.09
N TYR A 61 -0.80 14.85 -15.75
CA TYR A 61 -1.74 15.47 -14.82
C TYR A 61 -1.80 16.98 -15.05
N THR A 62 -2.81 17.60 -14.43
CA THR A 62 -2.92 19.06 -14.30
C THR A 62 -3.63 19.37 -12.99
N GLY A 63 -3.10 20.34 -12.24
CA GLY A 63 -3.68 20.75 -10.97
C GLY A 63 -4.26 22.15 -11.07
N ARG A 64 -5.47 22.31 -10.54
CA ARG A 64 -6.16 23.60 -10.54
C ARG A 64 -6.61 23.95 -9.13
N LEU A 65 -6.54 25.24 -8.80
CA LEU A 65 -7.33 25.74 -7.69
C LEU A 65 -8.80 25.71 -8.08
N ARG A 66 -9.67 25.89 -7.09
CA ARG A 66 -11.10 25.83 -7.38
C ARG A 66 -11.62 27.08 -8.08
N ASP A 67 -10.81 28.12 -8.24
CA ASP A 67 -11.20 29.28 -9.03
C ASP A 67 -10.82 29.16 -10.50
N GLY A 68 -10.07 28.12 -10.88
CA GLY A 68 -9.67 27.90 -12.25
C GLY A 68 -8.18 28.00 -12.49
N THR A 69 -7.44 28.65 -11.59
CA THR A 69 -6.01 28.84 -11.78
C THR A 69 -5.28 27.52 -11.74
N VAL A 70 -4.56 27.21 -12.82
CA VAL A 70 -3.72 26.02 -12.85
C VAL A 70 -2.38 26.35 -12.22
N PHE A 71 -1.97 25.54 -11.23
CA PHE A 71 -0.71 25.77 -10.53
C PHE A 71 0.41 24.84 -10.99
N ASP A 72 0.08 23.74 -11.66
CA ASP A 72 1.10 22.83 -12.16
C ASP A 72 0.47 21.98 -13.26
N SER A 73 1.33 21.42 -14.11
CA SER A 73 0.90 20.59 -15.23
C SER A 73 2.07 19.87 -15.86
N SER A 74 1.92 18.56 -16.11
CA SER A 74 3.00 17.77 -16.69
C SER A 74 3.01 17.81 -18.21
N ARG A 75 1.96 18.32 -18.84
CA ARG A 75 1.90 18.36 -20.30
C ARG A 75 2.78 19.47 -20.89
N GLU A 76 2.97 20.57 -20.16
CA GLU A 76 3.83 21.65 -20.63
C GLU A 76 5.30 21.29 -20.51
N ARG A 77 5.67 20.42 -19.58
CA ARG A 77 6.94 19.73 -19.67
C ARG A 77 6.94 18.65 -20.76
N GLY A 78 5.78 18.43 -21.38
CA GLY A 78 5.70 17.48 -22.51
C GLY A 78 5.64 16.02 -22.12
N LYS A 79 6.58 15.56 -21.31
CA LYS A 79 6.67 14.11 -21.01
C LYS A 79 6.13 13.80 -19.61
N PRO A 80 5.78 12.53 -19.31
CA PRO A 80 5.16 12.19 -18.03
C PRO A 80 6.12 12.24 -16.84
N THR A 81 5.64 12.66 -15.68
CA THR A 81 6.48 12.72 -14.45
C THR A 81 6.37 11.39 -13.70
N THR A 82 7.39 11.04 -12.92
CA THR A 82 7.35 9.80 -12.16
C THR A 82 7.08 10.12 -10.69
N PHE A 83 6.09 9.42 -10.13
CA PHE A 83 5.74 9.57 -8.72
C PHE A 83 5.56 8.20 -8.09
N ARG A 84 5.70 8.15 -6.77
CA ARG A 84 5.34 7.03 -5.93
C ARG A 84 4.20 7.43 -5.01
N PRO A 85 3.23 6.55 -4.78
CA PRO A 85 2.15 6.87 -3.82
C PRO A 85 2.65 7.35 -2.48
N ASN A 86 3.78 6.83 -1.98
CA ASN A 86 4.34 7.29 -0.72
C ASN A 86 5.16 8.58 -0.87
N GLU A 87 5.03 9.28 -1.99
CA GLU A 87 5.70 10.55 -2.21
C GLU A 87 4.75 11.72 -2.32
N VAL A 88 3.43 11.48 -2.36
CA VAL A 88 2.47 12.49 -2.74
C VAL A 88 1.47 12.74 -1.62
N ILE A 89 0.57 13.71 -1.82
CA ILE A 89 -0.42 14.04 -0.81
C ILE A 89 -1.47 12.93 -0.70
N LYS A 90 -2.21 12.95 0.41
CA LYS A 90 -3.07 11.83 0.78
C LYS A 90 -4.08 11.49 -0.33
N GLY A 91 -4.74 12.52 -0.87
CA GLY A 91 -5.70 12.26 -1.94
C GLY A 91 -5.07 11.60 -3.14
N TRP A 92 -3.81 11.94 -3.44
CA TRP A 92 -3.09 11.29 -4.52
C TRP A 92 -2.64 9.88 -4.13
N THR A 93 -2.29 9.67 -2.86
CA THR A 93 -1.89 8.34 -2.42
C THR A 93 -3.06 7.37 -2.48
N GLU A 94 -4.25 7.82 -2.08
CA GLU A 94 -5.42 6.95 -2.11
C GLU A 94 -5.87 6.66 -3.53
N ALA A 95 -5.92 7.70 -4.38
CA ALA A 95 -6.43 7.52 -5.74
C ALA A 95 -5.53 6.61 -6.55
N LEU A 96 -4.21 6.83 -6.48
CA LEU A 96 -3.28 6.04 -7.28
C LEU A 96 -3.40 4.56 -6.97
N GLN A 97 -3.57 4.19 -5.69
CA GLN A 97 -3.70 2.78 -5.32
C GLN A 97 -5.05 2.18 -5.71
N LEU A 98 -5.89 2.92 -6.43
CA LEU A 98 -7.15 2.39 -6.95
C LEU A 98 -7.23 2.47 -8.47
N MET A 99 -6.23 3.08 -9.09
CA MET A 99 -6.24 3.28 -10.55
C MET A 99 -5.32 2.25 -11.21
N ARG A 100 -5.71 1.76 -12.39
CA ARG A 100 -4.88 0.79 -13.15
C ARG A 100 -4.31 1.51 -14.36
N GLU A 101 -3.50 0.84 -15.17
CA GLU A 101 -2.85 1.55 -16.29
C GLU A 101 -3.90 1.89 -17.34
N GLY A 102 -3.91 3.14 -17.79
CA GLY A 102 -4.86 3.62 -18.77
C GLY A 102 -6.03 4.38 -18.19
N ASP A 103 -6.23 4.34 -16.88
CA ASP A 103 -7.32 5.07 -16.26
C ASP A 103 -7.08 6.58 -16.33
N ARG A 104 -8.18 7.32 -16.39
CA ARG A 104 -8.13 8.78 -16.33
C ARG A 104 -9.23 9.24 -15.40
N TRP A 105 -8.86 9.89 -14.30
CA TRP A 105 -9.79 10.34 -13.29
C TRP A 105 -9.62 11.85 -13.07
N ARG A 106 -10.72 12.50 -12.70
CA ARG A 106 -10.68 13.87 -12.21
C ARG A 106 -10.82 13.81 -10.68
N LEU A 107 -9.79 14.26 -9.97
CA LEU A 107 -9.77 14.22 -8.52
C LEU A 107 -10.18 15.56 -7.93
N PHE A 108 -11.03 15.51 -6.90
CA PHE A 108 -11.38 16.68 -6.11
C PHE A 108 -10.97 16.39 -4.67
N ILE A 109 -9.88 17.01 -4.24
CA ILE A 109 -9.22 16.70 -2.97
C ILE A 109 -9.56 17.80 -1.97
N PRO A 110 -10.20 17.49 -0.85
CA PRO A 110 -10.36 18.48 0.22
C PRO A 110 -9.03 18.82 0.85
N TYR A 111 -8.99 19.98 1.52
CA TYR A 111 -7.72 20.54 1.97
C TYR A 111 -7.00 19.61 2.93
N ASP A 112 -7.74 18.88 3.77
CA ASP A 112 -7.11 17.99 4.74
C ASP A 112 -6.45 16.79 4.10
N LEU A 113 -6.77 16.51 2.84
CA LEU A 113 -6.09 15.47 2.07
C LEU A 113 -5.10 16.06 1.06
N ALA A 114 -4.85 17.37 1.11
CA ALA A 114 -3.95 18.03 0.17
C ALA A 114 -2.83 18.65 0.99
N TYR A 115 -2.67 19.97 0.96
CA TYR A 115 -1.59 20.64 1.67
C TYR A 115 -2.06 21.26 2.99
N GLY A 116 -3.32 21.06 3.38
CA GLY A 116 -3.73 21.30 4.75
C GLY A 116 -3.72 22.76 5.16
N VAL A 117 -3.34 22.97 6.43
CA VAL A 117 -3.40 24.29 7.05
C VAL A 117 -2.22 25.17 6.62
N THR A 118 -1.05 24.57 6.38
CA THR A 118 0.10 25.37 5.96
C THR A 118 0.00 25.82 4.51
N GLY A 119 -0.57 24.99 3.63
CA GLY A 119 -0.58 25.30 2.22
C GLY A 119 0.55 24.60 1.49
N GLY A 120 0.61 24.85 0.18
CA GLY A 120 1.58 24.17 -0.66
C GLY A 120 2.38 25.10 -1.56
N GLY A 121 3.60 25.43 -1.13
CA GLY A 121 4.47 26.29 -1.91
C GLY A 121 4.01 27.73 -1.95
N GLY A 122 3.79 28.25 -3.15
CA GLY A 122 3.43 29.64 -3.30
C GLY A 122 2.01 29.88 -3.76
N MET A 123 1.55 29.08 -4.72
CA MET A 123 0.26 29.31 -5.37
C MET A 123 -0.86 28.45 -4.80
N ILE A 124 -0.66 27.84 -3.64
CA ILE A 124 -1.72 27.05 -2.98
C ILE A 124 -1.88 27.54 -1.56
N PRO A 125 -2.93 28.32 -1.28
CA PRO A 125 -3.08 28.94 0.04
C PRO A 125 -3.58 27.94 1.07
N PRO A 126 -3.60 28.32 2.36
CA PRO A 126 -4.16 27.43 3.38
C PRO A 126 -5.63 27.12 3.14
N TYR A 127 -6.05 25.96 3.63
CA TYR A 127 -7.46 25.55 3.60
C TYR A 127 -8.00 25.51 2.17
N SER A 128 -7.18 25.02 1.23
CA SER A 128 -7.54 25.04 -0.18
C SER A 128 -7.86 23.65 -0.68
N PRO A 129 -9.01 23.45 -1.32
CA PRO A 129 -9.26 22.19 -2.02
C PRO A 129 -8.65 22.22 -3.41
N LEU A 130 -8.25 21.05 -3.90
CA LEU A 130 -7.48 20.93 -5.13
C LEU A 130 -8.20 20.06 -6.15
N GLU A 131 -8.11 20.46 -7.41
CA GLU A 131 -8.71 19.72 -8.52
C GLU A 131 -7.61 19.24 -9.45
N PHE A 132 -7.54 17.92 -9.64
CA PHE A 132 -6.57 17.29 -10.53
C PHE A 132 -7.30 16.44 -11.55
N ASP A 133 -6.82 16.44 -12.79
CA ASP A 133 -7.10 15.35 -13.72
C ASP A 133 -5.82 14.55 -13.88
N VAL A 134 -5.95 13.23 -13.84
CA VAL A 134 -4.81 12.33 -13.69
C VAL A 134 -4.95 11.17 -14.66
N GLU A 135 -3.90 10.91 -15.43
CA GLU A 135 -3.81 9.72 -16.27
C GLU A 135 -2.63 8.89 -15.82
N LEU A 136 -2.86 7.60 -15.58
CA LEU A 136 -1.82 6.66 -15.17
C LEU A 136 -1.32 5.94 -16.42
N ILE A 137 -0.15 6.33 -16.90
CA ILE A 137 0.37 5.82 -18.16
C ILE A 137 0.86 4.38 -18.00
N SER A 138 1.69 4.14 -16.98
CA SER A 138 2.26 2.82 -16.75
C SER A 138 2.79 2.74 -15.34
N ILE A 139 3.03 1.51 -14.89
CA ILE A 139 3.62 1.25 -13.58
C ILE A 139 4.90 0.46 -13.79
N LYS A 140 5.99 0.91 -13.17
CA LYS A 140 7.30 0.27 -13.32
C LYS A 140 7.24 -1.18 -12.89
N ASP A 141 7.65 -2.07 -13.80
CA ASP A 141 7.69 -3.52 -13.57
C ASP A 141 6.32 -4.08 -13.17
N GLY A 142 5.24 -3.39 -13.55
CA GLY A 142 3.90 -3.87 -13.27
C GLY A 142 3.39 -3.51 -11.89
N GLY A 143 2.08 -3.31 -11.77
CA GLY A 143 1.51 -3.01 -10.47
C GLY A 143 1.60 -4.22 -9.54
N LYS A 144 1.95 -3.94 -8.28
CA LYS A 144 2.05 -4.98 -7.26
C LYS A 144 1.03 -4.80 -6.16
N GLY A 145 0.01 -3.99 -6.38
CA GLY A 145 -1.03 -3.74 -5.39
C GLY A 145 -2.34 -4.40 -5.72
N ARG A 146 -3.43 -3.63 -5.63
CA ARG A 146 -4.77 -4.20 -5.75
C ARG A 146 -5.00 -4.78 -7.14
N THR A 147 -5.67 -5.93 -7.18
CA THR A 147 -6.18 -6.47 -8.42
C THR A 147 -7.51 -5.80 -8.76
N ALA A 148 -8.07 -6.13 -9.93
CA ALA A 148 -9.36 -5.56 -10.32
C ALA A 148 -10.45 -5.94 -9.33
N GLU A 149 -10.31 -7.08 -8.66
CA GLU A 149 -11.34 -7.53 -7.72
C GLU A 149 -11.35 -6.66 -6.46
N GLU A 150 -10.17 -6.31 -5.95
CA GLU A 150 -10.11 -5.48 -4.74
C GLU A 150 -10.63 -4.08 -5.00
N VAL A 151 -10.38 -3.54 -6.20
CA VAL A 151 -10.80 -2.18 -6.49
C VAL A 151 -12.32 -2.09 -6.61
N ASP A 152 -12.94 -3.04 -7.31
CA ASP A 152 -14.38 -2.99 -7.52
C ASP A 152 -15.14 -3.11 -6.21
N GLU A 153 -14.61 -3.87 -5.25
CA GLU A 153 -15.27 -3.99 -3.95
C GLU A 153 -15.19 -2.69 -3.16
N ILE A 154 -14.17 -1.87 -3.41
CA ILE A 154 -14.07 -0.59 -2.72
C ILE A 154 -15.05 0.43 -3.30
N LEU A 155 -15.24 0.40 -4.62
CA LEU A 155 -16.26 1.26 -5.23
C LEU A 155 -17.66 0.78 -4.88
N ARG A 156 -17.85 -0.55 -4.80
CA ARG A 156 -19.17 -1.09 -4.50
C ARG A 156 -19.63 -0.66 -3.11
N LYS A 157 -18.72 -0.71 -2.13
CA LYS A 157 -19.06 -0.22 -0.80
C LYS A 157 -19.31 1.29 -0.80
N ALA A 158 -18.64 2.02 -1.70
CA ALA A 158 -18.80 3.48 -1.73
C ALA A 158 -20.17 3.86 -2.26
N GLU A 159 -20.55 3.32 -3.42
CA GLU A 159 -21.88 3.60 -3.97
C GLU A 159 -23.00 3.00 -3.12
N GLU A 160 -22.67 2.18 -2.14
CA GLU A 160 -23.63 1.61 -1.20
C GLU A 160 -23.98 2.58 -0.08
N ASP A 161 -23.35 3.75 -0.04
CA ASP A 161 -23.65 4.75 0.98
C ASP A 161 -24.51 5.89 0.42
N ASP B 1 -4.08 -43.13 -8.55
CA ASP B 1 -5.08 -42.92 -7.47
C ASP B 1 -5.29 -41.41 -7.24
N ALA B 2 -5.96 -41.04 -6.15
CA ALA B 2 -6.18 -39.61 -5.82
C ALA B 2 -4.95 -39.08 -5.09
N ALA B 3 -4.09 -40.00 -4.66
CA ALA B 3 -2.86 -39.63 -3.94
C ALA B 3 -1.71 -39.44 -4.95
N SER B 4 -1.85 -40.04 -6.14
CA SER B 4 -0.81 -39.80 -7.18
C SER B 4 -1.11 -38.47 -7.85
N HIS B 5 -2.38 -38.12 -7.92
CA HIS B 5 -2.77 -36.81 -8.50
C HIS B 5 -2.26 -35.71 -7.58
N GLU B 6 -2.42 -35.91 -6.26
CA GLU B 6 -1.93 -34.92 -5.32
C GLU B 6 -0.40 -34.91 -5.27
N GLU B 7 0.21 -36.08 -5.37
CA GLU B 7 1.67 -36.16 -5.39
C GLU B 7 2.25 -35.42 -6.59
N ARG B 8 1.59 -35.52 -7.75
CA ARG B 8 2.06 -34.82 -8.94
C ARG B 8 1.77 -33.33 -8.87
N MET B 9 0.64 -32.96 -8.26
CA MET B 9 0.35 -31.54 -8.03
C MET B 9 1.39 -30.90 -7.11
N ASN B 10 1.90 -31.66 -6.14
CA ASN B 10 2.86 -31.11 -5.18
C ASN B 10 4.25 -30.97 -5.76
N ASN B 11 4.66 -31.86 -6.66
CA ASN B 11 5.92 -31.67 -7.36
C ASN B 11 5.90 -30.38 -8.17
N TYR B 12 4.79 -30.12 -8.86
CA TYR B 12 4.65 -28.89 -9.62
C TYR B 12 4.71 -27.66 -8.71
N ARG B 13 4.04 -27.73 -7.56
CA ARG B 13 4.06 -26.61 -6.62
C ARG B 13 5.46 -26.32 -6.11
N LYS B 14 6.27 -27.36 -5.89
CA LYS B 14 7.62 -27.14 -5.30
C LYS B 14 8.52 -26.38 -6.27
N ARG B 15 8.41 -26.64 -7.57
CA ARG B 15 9.29 -26.00 -8.58
C ARG B 15 8.87 -24.55 -8.82
N VAL B 16 7.59 -24.31 -9.08
CA VAL B 16 7.08 -22.95 -9.39
C VAL B 16 7.26 -22.08 -8.13
N GLY B 17 7.11 -22.68 -6.96
CA GLY B 17 7.36 -21.95 -5.71
C GLY B 17 8.82 -21.59 -5.55
N ARG B 18 9.72 -22.49 -5.95
CA ARG B 18 11.15 -22.22 -5.89
C ARG B 18 11.53 -21.09 -6.85
N LEU B 19 10.89 -21.02 -8.02
CA LEU B 19 11.15 -19.94 -8.96
C LEU B 19 10.63 -18.59 -8.43
N PHE B 20 9.45 -18.60 -7.82
CA PHE B 20 8.90 -17.38 -7.25
C PHE B 20 9.85 -16.78 -6.21
N MET B 21 10.37 -17.62 -5.31
CA MET B 21 11.26 -17.14 -4.26
C MET B 21 12.57 -16.61 -4.84
N GLU B 22 13.05 -17.18 -5.94
CA GLU B 22 14.31 -16.74 -6.51
C GLU B 22 14.19 -15.39 -7.19
N GLN B 23 13.02 -15.09 -7.77
CA GLN B 23 12.86 -13.80 -8.45
C GLN B 23 12.79 -12.66 -7.44
N LYS B 24 12.01 -12.83 -6.37
CA LYS B 24 11.89 -11.77 -5.38
C LYS B 24 13.20 -11.57 -4.61
N ALA B 25 13.97 -12.64 -4.42
CA ALA B 25 15.31 -12.49 -3.87
C ALA B 25 16.27 -11.82 -4.84
N ALA B 26 15.96 -11.85 -6.14
CA ALA B 26 16.81 -11.23 -7.15
C ALA B 26 16.51 -9.75 -7.36
N GLN B 27 15.43 -9.23 -6.77
CA GLN B 27 15.17 -7.80 -6.86
C GLN B 27 16.30 -7.04 -6.17
N PRO B 28 16.68 -5.86 -6.69
CA PRO B 28 17.89 -5.20 -6.17
C PRO B 28 17.74 -4.68 -4.75
N ASP B 29 16.53 -4.38 -4.30
CA ASP B 29 16.31 -3.80 -2.99
C ASP B 29 15.83 -4.83 -1.96
N ALA B 30 15.90 -6.12 -2.28
CA ALA B 30 15.43 -7.17 -1.41
C ALA B 30 16.59 -7.79 -0.64
N VAL B 31 16.41 -7.95 0.66
CA VAL B 31 17.41 -8.58 1.52
C VAL B 31 17.01 -10.02 1.76
N LYS B 32 18.00 -10.92 1.75
CA LYS B 32 17.78 -12.34 1.99
C LYS B 32 18.51 -12.75 3.26
N LEU B 33 17.81 -13.41 4.16
CA LEU B 33 18.37 -13.83 5.43
C LEU B 33 18.80 -15.29 5.38
N PRO B 34 19.71 -15.69 6.27
CA PRO B 34 20.17 -17.09 6.26
C PRO B 34 19.06 -18.12 6.43
N SER B 35 17.94 -17.74 7.06
CA SER B 35 16.83 -18.68 7.22
C SER B 35 16.08 -18.91 5.91
N GLY B 36 16.22 -18.02 4.94
CA GLY B 36 15.49 -18.10 3.68
C GLY B 36 14.42 -17.04 3.54
N LEU B 37 14.15 -16.26 4.58
CA LEU B 37 13.14 -15.21 4.50
C LEU B 37 13.69 -14.01 3.73
N VAL B 38 12.88 -13.50 2.79
CA VAL B 38 13.24 -12.33 2.00
C VAL B 38 12.27 -11.21 2.36
N PHE B 39 12.81 -10.00 2.54
CA PHE B 39 11.98 -8.87 2.91
C PHE B 39 12.39 -7.62 2.14
N GLN B 40 11.45 -6.68 2.06
CA GLN B 40 11.64 -5.40 1.39
C GLN B 40 11.18 -4.31 2.34
N ARG B 41 12.00 -3.28 2.51
CA ARG B 41 11.66 -2.18 3.42
C ARG B 41 10.68 -1.24 2.72
N ILE B 42 9.47 -1.13 3.25
CA ILE B 42 8.49 -0.20 2.70
C ILE B 42 8.53 1.15 3.43
N ALA B 43 8.72 1.12 4.75
CA ALA B 43 8.81 2.33 5.54
C ALA B 43 9.75 2.08 6.72
N ARG B 44 10.46 3.13 7.12
CA ARG B 44 11.38 3.07 8.25
C ARG B 44 10.75 3.81 9.43
N GLY B 45 10.59 3.10 10.55
CA GLY B 45 9.89 3.65 11.69
C GLY B 45 10.79 4.34 12.69
N SER B 46 10.15 5.05 13.62
CA SER B 46 10.84 5.82 14.65
C SER B 46 11.01 5.06 15.96
N GLY B 47 10.48 3.85 16.06
CA GLY B 47 10.61 3.09 17.29
C GLY B 47 12.03 2.71 17.60
N LYS B 48 12.28 2.45 18.89
CA LYS B 48 13.60 2.04 19.36
C LYS B 48 13.66 0.59 19.80
N ARG B 49 12.52 -0.07 19.91
CA ARG B 49 12.52 -1.46 20.41
C ARG B 49 11.73 -2.39 19.51
N ALA B 50 12.15 -3.64 19.45
CA ALA B 50 11.41 -4.68 18.72
C ALA B 50 10.71 -5.54 19.77
N PRO B 51 9.62 -6.25 19.44
CA PRO B 51 8.89 -7.07 20.42
C PRO B 51 9.66 -8.32 20.80
N ALA B 52 9.43 -8.77 22.03
CA ALA B 52 9.93 -10.07 22.43
C ALA B 52 9.06 -11.17 21.84
N ILE B 53 9.52 -12.41 22.00
CA ILE B 53 8.85 -13.56 21.41
C ILE B 53 7.40 -13.68 21.89
N ASP B 54 7.08 -13.10 23.05
CA ASP B 54 5.72 -13.16 23.59
C ASP B 54 5.05 -11.79 23.71
N ASP B 55 5.62 -10.75 23.12
CA ASP B 55 5.02 -9.42 23.18
C ASP B 55 3.81 -9.32 22.26
N LYS B 56 2.77 -8.63 22.72
CA LYS B 56 1.58 -8.41 21.91
C LYS B 56 1.80 -7.22 20.98
N CYS B 57 1.55 -7.42 19.69
CA CYS B 57 1.79 -6.40 18.68
C CYS B 57 0.51 -6.09 17.91
N GLU B 58 0.31 -4.81 17.62
CA GLU B 58 -0.82 -4.35 16.81
C GLU B 58 -0.34 -4.15 15.38
N VAL B 59 -0.86 -4.97 14.50
CA VAL B 59 -0.35 -4.96 13.11
C VAL B 59 -1.46 -4.77 12.08
N HIS B 60 -1.09 -4.26 10.91
CA HIS B 60 -2.03 -4.19 9.77
C HIS B 60 -1.36 -5.05 8.71
N TYR B 61 -2.13 -5.88 8.03
CA TYR B 61 -1.48 -6.81 7.08
C TYR B 61 -2.36 -7.15 5.87
N THR B 62 -1.71 -7.51 4.77
CA THR B 62 -2.40 -8.04 3.61
C THR B 62 -1.56 -9.15 3.02
N GLY B 63 -2.10 -10.37 3.01
CA GLY B 63 -1.39 -11.54 2.51
C GLY B 63 -1.85 -11.95 1.12
N ARG B 64 -0.91 -12.39 0.30
CA ARG B 64 -1.19 -12.71 -1.09
C ARG B 64 -0.57 -14.05 -1.47
N LEU B 65 -1.29 -14.83 -2.28
CA LEU B 65 -0.70 -15.97 -2.95
C LEU B 65 0.27 -15.48 -4.02
N ARG B 66 1.07 -16.42 -4.55
CA ARG B 66 2.11 -16.05 -5.50
C ARG B 66 1.57 -15.51 -6.82
N ASP B 67 0.26 -15.64 -7.08
CA ASP B 67 -0.32 -15.03 -8.27
C ASP B 67 -0.89 -13.64 -8.02
N GLY B 68 -1.02 -13.24 -6.76
CA GLY B 68 -1.56 -11.94 -6.40
C GLY B 68 -2.86 -11.99 -5.62
N THR B 69 -3.52 -13.14 -5.57
CA THR B 69 -4.82 -13.24 -4.89
C THR B 69 -4.65 -13.06 -3.39
N VAL B 70 -5.52 -12.26 -2.79
CA VAL B 70 -5.52 -12.05 -1.35
C VAL B 70 -6.24 -13.21 -0.67
N PHE B 71 -5.61 -13.80 0.34
CA PHE B 71 -6.29 -14.80 1.16
C PHE B 71 -6.72 -14.28 2.52
N ASP B 72 -6.11 -13.20 3.01
CA ASP B 72 -6.51 -12.60 4.28
C ASP B 72 -5.89 -11.20 4.37
N SER B 73 -6.66 -10.26 4.92
CA SER B 73 -6.20 -8.88 5.04
C SER B 73 -6.94 -8.19 6.17
N SER B 74 -6.18 -7.51 7.04
CA SER B 74 -6.80 -6.73 8.09
C SER B 74 -7.21 -5.35 7.60
N ARG B 75 -6.53 -4.83 6.58
CA ARG B 75 -6.90 -3.54 6.01
C ARG B 75 -8.28 -3.62 5.34
N GLU B 76 -8.60 -4.75 4.71
CA GLU B 76 -9.94 -4.94 4.17
C GLU B 76 -10.99 -4.98 5.28
N ARG B 77 -10.62 -5.50 6.45
CA ARG B 77 -11.54 -5.51 7.59
C ARG B 77 -11.64 -4.13 8.25
N GLY B 78 -10.72 -3.22 7.97
CA GLY B 78 -10.73 -1.88 8.53
C GLY B 78 -9.95 -1.73 9.82
N LYS B 79 -9.90 -2.77 10.66
CA LYS B 79 -9.29 -2.62 11.96
C LYS B 79 -8.01 -3.46 12.06
N PRO B 80 -6.99 -2.95 12.75
CA PRO B 80 -5.76 -3.74 12.94
C PRO B 80 -6.03 -5.00 13.76
N THR B 81 -5.04 -5.90 13.76
CA THR B 81 -5.17 -7.20 14.41
C THR B 81 -3.95 -7.44 15.30
N THR B 82 -4.19 -8.07 16.45
CA THR B 82 -3.13 -8.32 17.43
C THR B 82 -2.55 -9.72 17.26
N PHE B 83 -1.21 -9.82 17.33
CA PHE B 83 -0.51 -11.08 17.27
C PHE B 83 0.73 -11.03 18.16
N ARG B 84 1.11 -12.21 18.70
CA ARG B 84 2.39 -12.41 19.33
C ARG B 84 3.31 -13.18 18.39
N PRO B 85 4.62 -12.91 18.42
CA PRO B 85 5.53 -13.66 17.54
C PRO B 85 5.45 -15.17 17.73
N ASN B 86 5.30 -15.66 18.97
CA ASN B 86 5.20 -17.09 19.22
C ASN B 86 3.83 -17.66 18.87
N GLU B 87 3.05 -16.95 18.07
CA GLU B 87 1.73 -17.42 17.64
C GLU B 87 1.62 -17.65 16.15
N VAL B 88 2.57 -17.18 15.35
CA VAL B 88 2.41 -17.10 13.91
C VAL B 88 3.44 -17.94 13.18
N ILE B 89 3.37 -17.96 11.85
CA ILE B 89 4.29 -18.76 11.04
C ILE B 89 5.71 -18.23 11.21
N LYS B 90 6.69 -19.09 10.87
CA LYS B 90 8.08 -18.82 11.20
C LYS B 90 8.57 -17.52 10.59
N GLY B 91 8.22 -17.26 9.33
CA GLY B 91 8.65 -16.03 8.68
C GLY B 91 8.14 -14.78 9.39
N TRP B 92 6.93 -14.85 9.94
CA TRP B 92 6.41 -13.73 10.71
C TRP B 92 7.11 -13.62 12.07
N THR B 93 7.45 -14.76 12.66
CA THR B 93 8.13 -14.73 13.96
C THR B 93 9.51 -14.10 13.84
N GLU B 94 10.27 -14.46 12.80
CA GLU B 94 11.62 -13.92 12.64
C GLU B 94 11.59 -12.45 12.25
N ALA B 95 10.59 -12.02 11.49
CA ALA B 95 10.53 -10.63 11.04
C ALA B 95 10.01 -9.71 12.13
N LEU B 96 8.97 -10.14 12.85
CA LEU B 96 8.39 -9.29 13.89
C LEU B 96 9.45 -8.86 14.91
N GLN B 97 10.34 -9.77 15.28
CA GLN B 97 11.41 -9.47 16.22
C GLN B 97 12.56 -8.71 15.58
N LEU B 98 12.38 -8.19 14.36
CA LEU B 98 13.37 -7.35 13.70
C LEU B 98 12.80 -6.02 13.23
N MET B 99 11.56 -5.69 13.60
CA MET B 99 10.97 -4.41 13.25
C MET B 99 10.70 -3.59 14.52
N ARG B 100 10.89 -2.29 14.40
CA ARG B 100 10.51 -1.36 15.46
C ARG B 100 9.10 -0.84 15.17
N GLU B 101 8.61 0.05 16.03
CA GLU B 101 7.32 0.68 15.79
C GLU B 101 7.43 1.64 14.60
N GLY B 102 6.45 1.57 13.70
CA GLY B 102 6.44 2.39 12.51
C GLY B 102 6.99 1.71 11.27
N ASP B 103 7.71 0.60 11.43
CA ASP B 103 8.27 -0.12 10.29
C ASP B 103 7.18 -0.73 9.43
N ARG B 104 7.47 -0.88 8.15
CA ARG B 104 6.57 -1.53 7.20
C ARG B 104 7.42 -2.36 6.25
N TRP B 105 7.17 -3.66 6.21
CA TRP B 105 7.96 -4.58 5.40
C TRP B 105 7.06 -5.37 4.45
N ARG B 106 7.64 -5.78 3.33
CA ARG B 106 7.04 -6.77 2.45
C ARG B 106 7.76 -8.09 2.66
N LEU B 107 7.03 -9.10 3.12
CA LEU B 107 7.60 -10.40 3.45
C LEU B 107 7.37 -11.38 2.30
N PHE B 108 8.46 -11.98 1.81
CA PHE B 108 8.41 -13.09 0.86
C PHE B 108 8.84 -14.34 1.60
N ILE B 109 7.89 -15.19 1.94
CA ILE B 109 8.09 -16.31 2.84
C ILE B 109 8.08 -17.60 2.03
N PRO B 110 9.14 -18.40 2.07
CA PRO B 110 9.09 -19.73 1.46
C PRO B 110 8.21 -20.67 2.28
N TYR B 111 7.80 -21.76 1.63
CA TYR B 111 6.79 -22.63 2.23
C TYR B 111 7.27 -23.26 3.53
N ASP B 112 8.57 -23.53 3.66
CA ASP B 112 9.08 -24.15 4.88
C ASP B 112 9.04 -23.20 6.07
N LEU B 113 8.87 -21.91 5.84
CA LEU B 113 8.70 -20.93 6.91
C LEU B 113 7.25 -20.45 7.03
N ALA B 114 6.32 -21.09 6.31
CA ALA B 114 4.93 -20.65 6.30
C ALA B 114 4.09 -21.82 6.78
N TYR B 115 3.19 -22.35 5.94
CA TYR B 115 2.31 -23.43 6.33
C TYR B 115 2.77 -24.79 5.79
N GLY B 116 3.91 -24.83 5.10
CA GLY B 116 4.61 -26.08 4.88
C GLY B 116 3.83 -27.08 4.03
N VAL B 117 3.88 -28.34 4.45
CA VAL B 117 3.37 -29.45 3.65
C VAL B 117 1.84 -29.51 3.71
N THR B 118 1.26 -29.22 4.87
CA THR B 118 -0.18 -29.42 5.05
C THR B 118 -1.02 -28.28 4.48
N GLY B 119 -0.43 -27.12 4.22
CA GLY B 119 -1.19 -25.96 3.81
C GLY B 119 -1.72 -25.18 4.98
N GLY B 120 -2.48 -24.14 4.66
CA GLY B 120 -2.98 -23.24 5.69
C GLY B 120 -4.48 -23.30 5.93
N GLY B 121 -5.18 -22.22 5.63
CA GLY B 121 -6.62 -22.18 5.80
C GLY B 121 -7.34 -22.97 4.72
N GLY B 122 -8.07 -22.27 3.87
CA GLY B 122 -8.73 -22.90 2.74
C GLY B 122 -7.96 -22.73 1.45
N MET B 123 -7.56 -21.50 1.15
CA MET B 123 -6.93 -21.16 -0.12
C MET B 123 -5.42 -20.98 -0.01
N ILE B 124 -4.79 -21.61 0.99
CA ILE B 124 -3.33 -21.75 1.00
C ILE B 124 -3.02 -23.23 0.83
N PRO B 125 -2.60 -23.67 -0.35
CA PRO B 125 -2.37 -25.09 -0.59
C PRO B 125 -1.00 -25.54 -0.10
N PRO B 126 -0.73 -26.84 -0.14
CA PRO B 126 0.62 -27.33 0.21
C PRO B 126 1.72 -26.68 -0.61
N TYR B 127 2.86 -26.45 0.05
CA TYR B 127 4.09 -26.00 -0.61
C TYR B 127 3.92 -24.62 -1.24
N SER B 128 3.29 -23.70 -0.52
CA SER B 128 3.00 -22.38 -1.06
C SER B 128 3.93 -21.34 -0.46
N PRO B 129 4.52 -20.47 -1.28
CA PRO B 129 5.14 -19.27 -0.75
C PRO B 129 4.10 -18.16 -0.57
N LEU B 130 4.29 -17.37 0.47
CA LEU B 130 3.36 -16.31 0.83
C LEU B 130 4.03 -14.95 0.69
N GLU B 131 3.24 -13.96 0.26
CA GLU B 131 3.68 -12.57 0.14
C GLU B 131 2.84 -11.73 1.09
N PHE B 132 3.50 -11.03 2.01
CA PHE B 132 2.82 -10.24 3.02
C PHE B 132 3.28 -8.78 2.95
N ASP B 133 2.36 -7.89 3.31
CA ASP B 133 2.66 -6.48 3.55
C ASP B 133 2.29 -6.20 5.01
N VAL B 134 3.29 -6.05 5.86
CA VAL B 134 3.09 -5.98 7.31
C VAL B 134 3.51 -4.60 7.80
N GLU B 135 2.65 -3.98 8.61
CA GLU B 135 2.96 -2.75 9.32
C GLU B 135 2.87 -3.00 10.82
N LEU B 136 3.95 -2.67 11.53
CA LEU B 136 3.99 -2.81 12.99
C LEU B 136 3.58 -1.47 13.59
N ILE B 137 2.29 -1.36 13.94
CA ILE B 137 1.76 -0.08 14.40
C ILE B 137 2.21 0.21 15.83
N SER B 138 2.17 -0.78 16.72
CA SER B 138 2.52 -0.54 18.11
C SER B 138 2.85 -1.87 18.79
N ILE B 139 3.49 -1.76 19.95
CA ILE B 139 3.80 -2.91 20.81
C ILE B 139 3.28 -2.60 22.21
N LYS B 140 2.69 -3.61 22.85
CA LYS B 140 2.18 -3.43 24.21
C LYS B 140 3.33 -3.08 25.16
N ASP B 141 3.15 -1.97 25.88
CA ASP B 141 4.15 -1.42 26.81
C ASP B 141 5.45 -1.04 26.12
N GLY B 142 5.40 -0.78 24.81
CA GLY B 142 6.56 -0.33 24.07
C GLY B 142 7.50 -1.42 23.60
N GLY B 143 7.47 -2.60 24.21
CA GLY B 143 8.33 -3.68 23.78
C GLY B 143 9.37 -4.03 24.83
N LYS B 144 9.78 -5.31 24.83
CA LYS B 144 10.77 -5.81 25.76
C LYS B 144 11.84 -6.64 25.06
N GLY B 145 12.01 -6.46 23.75
CA GLY B 145 12.93 -7.29 23.00
C GLY B 145 14.17 -6.57 22.51
N ARG B 146 14.63 -6.93 21.32
CA ARG B 146 15.84 -6.35 20.75
C ARG B 146 15.70 -4.84 20.62
N THR B 147 16.81 -4.13 20.82
CA THR B 147 16.83 -2.69 20.61
C THR B 147 17.18 -2.39 19.16
N ALA B 148 17.00 -1.13 18.77
CA ALA B 148 17.25 -0.72 17.39
C ALA B 148 18.72 -0.90 17.02
N GLU B 149 19.63 -0.60 17.97
CA GLU B 149 21.05 -0.75 17.70
C GLU B 149 21.39 -2.20 17.37
N GLU B 150 20.89 -3.14 18.16
CA GLU B 150 21.10 -4.55 17.84
C GLU B 150 20.46 -4.92 16.51
N VAL B 151 19.16 -4.63 16.36
CA VAL B 151 18.40 -5.02 15.17
C VAL B 151 19.12 -4.54 13.91
N ASP B 152 19.56 -3.28 13.90
CA ASP B 152 20.27 -2.75 12.74
C ASP B 152 21.60 -3.46 12.50
N GLU B 153 22.16 -4.10 13.53
CA GLU B 153 23.44 -4.77 13.36
C GLU B 153 23.28 -6.15 12.74
N ILE B 154 22.21 -6.89 13.10
CA ILE B 154 21.99 -8.18 12.46
C ILE B 154 21.64 -7.99 10.98
N LEU B 155 20.79 -7.00 10.68
CA LEU B 155 20.41 -6.74 9.30
C LEU B 155 21.60 -6.32 8.45
N ARG B 156 22.58 -5.64 9.05
CA ARG B 156 23.74 -5.18 8.29
C ARG B 156 24.60 -6.37 7.86
N LYS B 157 24.72 -7.40 8.69
CA LYS B 157 25.56 -8.54 8.37
C LYS B 157 25.06 -9.28 7.13
N ALA B 158 23.76 -9.19 6.83
CA ALA B 158 23.17 -9.99 5.77
C ALA B 158 23.15 -9.29 4.41
N GLU B 159 22.94 -7.98 4.45
CA GLU B 159 23.02 -7.20 3.19
C GLU B 159 24.40 -7.55 2.64
N GLU B 160 25.31 -7.91 3.53
CA GLU B 160 26.67 -8.38 3.13
C GLU B 160 27.06 -7.70 1.82
#